data_8VXF
#
_entry.id   8VXF
#
_cell.length_a   51.127
_cell.length_b   100.891
_cell.length_c   65.958
_cell.angle_alpha   90.00
_cell.angle_beta   101.85
_cell.angle_gamma   90.00
#
_symmetry.space_group_name_H-M   'P 1 21 1'
#
loop_
_entity.id
_entity.type
_entity.pdbx_description
1 polymer 'Casein kinase I isoform delta'
2 polymer 'Casein kinase I isoform delta'
3 non-polymer (2P,3P,8S)-2-(5-fluoropyridin-2-yl)-6,6-dimethyl-3-(1H-pyrazolo[3,4-b]pyridin-4-yl)-6,7-dihydro-4H-pyrazolo[5,1-c][1,4]oxazine
4 water water
#
loop_
_entity_poly.entity_id
_entity_poly.type
_entity_poly.pdbx_seq_one_letter_code
_entity_poly.pdbx_strand_id
1 'polypeptide(L)'
;GMELRVGNRYRLGRKIGSGSFGDIYLGTDIAAGEEVAIKLECVKTKHPQLHIESKIYKMMQGGVGIPTIRW(CSO)GAEG
DYNVMVMELLGPSLEDLFNFCSRKFSLKTVLLLADQMISRIEYIHSKNFIHRDVKPDNFLMGLGKKGNLVYIIDFGLAKK
YRDARTHQHIPYRENKNLTGTARYASINTHLGIEQSRRDDLESLGYVLMYFNLGSLPWQGLKAATKRQKYERISEKKMST
PIEVLCKGYPSEFATYLNFCRSLRFDDKPDYSYLRQLFRNLFHRQGFSYDYVFDWNMLKFGASR
;
A
2 'polypeptide(L)'
;GMELRVGNRYRLGRKIGSGSFGDIYLGTDIAAGEEVAIKLECVKTKHPQLHIESKIYKMMQGGVGIPTIRWCGAEGDYNV
MVMELLGPSLEDLFNFCSRKFSLKTVLLLADQMISRIEYIHSKNFIHRDVKPDNFLMGLGKKGNLVYIIDFGLAKKYRDA
RTHQHIPYRENKNLTGTARYASINTHLGIEQSRRDDLESLGYVLMYFNLGSLPWQGLKAATKRQKYERISEKKMSTPIEV
LCKGYPSEFATYLNFCRSLRFDDKPDYSYLRQLFRNLFHRQGFSYDYVFDWNMLKFGASR
;
B
#
# COMPACT_ATOMS: atom_id res chain seq x y z
N ARG A 5 -5.63 -14.22 15.09
CA ARG A 5 -7.08 -14.40 15.00
C ARG A 5 -7.80 -13.15 15.50
N VAL A 6 -9.00 -12.93 14.97
CA VAL A 6 -9.82 -11.77 15.32
C VAL A 6 -11.26 -12.23 15.52
N GLY A 7 -11.91 -11.67 16.54
CA GLY A 7 -13.29 -12.03 16.80
C GLY A 7 -13.43 -13.52 17.04
N ASN A 8 -14.37 -14.14 16.33
CA ASN A 8 -14.67 -15.55 16.49
C ASN A 8 -14.27 -16.38 15.27
N ARG A 9 -14.59 -15.92 14.06
CA ARG A 9 -14.44 -16.72 12.86
C ARG A 9 -13.51 -16.10 11.83
N TYR A 10 -12.68 -15.13 12.22
CA TYR A 10 -11.83 -14.42 11.28
C TYR A 10 -10.38 -14.47 11.74
N ARG A 11 -9.50 -14.91 10.85
CA ARG A 11 -8.06 -14.84 11.07
C ARG A 11 -7.51 -13.57 10.41
N LEU A 12 -6.41 -13.07 10.97
CA LEU A 12 -5.79 -11.85 10.47
C LEU A 12 -4.71 -12.18 9.45
N GLY A 13 -4.24 -11.15 8.76
CA GLY A 13 -3.23 -11.33 7.73
C GLY A 13 -2.46 -10.07 7.38
N ARG A 14 -2.18 -9.90 6.09
CA ARG A 14 -1.33 -8.81 5.62
C ARG A 14 -1.95 -7.45 5.92
N LYS A 15 -1.08 -6.45 5.98
CA LYS A 15 -1.50 -5.05 5.94
C LYS A 15 -1.56 -4.65 4.47
N ILE A 16 -2.77 -4.38 3.96
CA ILE A 16 -2.96 -4.09 2.55
C ILE A 16 -3.03 -2.60 2.25
N GLY A 17 -3.15 -1.76 3.27
CA GLY A 17 -3.18 -0.33 3.05
C GLY A 17 -3.69 0.40 4.26
N SER A 18 -3.76 1.73 4.12
CA SER A 18 -4.23 2.62 5.18
C SER A 18 -5.47 3.35 4.70
N GLY A 19 -6.57 3.18 5.43
CA GLY A 19 -7.75 3.99 5.21
C GLY A 19 -7.64 5.31 5.95
N SER A 20 -8.70 6.09 5.88
CA SER A 20 -8.77 7.33 6.65
C SER A 20 -8.86 6.97 8.13
N PHE A 21 -7.80 7.26 8.88
CA PHE A 21 -7.74 6.96 10.31
C PHE A 21 -7.86 5.46 10.59
N GLY A 22 -6.89 4.71 10.09
CA GLY A 22 -6.82 3.30 10.39
C GLY A 22 -5.96 2.54 9.41
N ASP A 23 -5.73 1.28 9.72
CA ASP A 23 -4.98 0.36 8.88
C ASP A 23 -5.88 -0.77 8.42
N ILE A 24 -5.72 -1.19 7.17
CA ILE A 24 -6.58 -2.19 6.55
C ILE A 24 -5.79 -3.48 6.38
N TYR A 25 -6.45 -4.61 6.66
CA TYR A 25 -5.79 -5.91 6.68
C TYR A 25 -6.61 -6.93 5.91
N LEU A 26 -5.92 -7.92 5.35
CA LEU A 26 -6.55 -9.10 4.80
C LEU A 26 -7.01 -10.02 5.92
N GLY A 27 -8.21 -10.58 5.76
CA GLY A 27 -8.74 -11.50 6.75
C GLY A 27 -9.36 -12.69 6.06
N THR A 28 -9.40 -13.82 6.78
CA THR A 28 -9.92 -15.07 6.26
C THR A 28 -11.00 -15.58 7.19
N ASP A 29 -12.22 -15.73 6.66
CA ASP A 29 -13.30 -16.32 7.43
C ASP A 29 -13.04 -17.81 7.59
N ILE A 30 -13.02 -18.28 8.84
CA ILE A 30 -12.75 -19.69 9.10
C ILE A 30 -13.99 -20.53 8.79
N ALA A 31 -15.16 -20.04 9.17
CA ALA A 31 -16.38 -20.82 9.00
C ALA A 31 -16.73 -21.01 7.52
N ALA A 32 -16.97 -19.91 6.81
CA ALA A 32 -17.39 -19.97 5.42
C ALA A 32 -16.22 -20.09 4.45
N GLY A 33 -14.99 -19.92 4.91
CA GLY A 33 -13.83 -20.01 4.05
C GLY A 33 -13.64 -18.84 3.11
N GLU A 34 -14.49 -17.82 3.17
CA GLU A 34 -14.35 -16.67 2.30
C GLU A 34 -13.34 -15.68 2.86
N GLU A 35 -12.80 -14.85 1.98
CA GLU A 35 -11.85 -13.83 2.37
C GLU A 35 -12.58 -12.52 2.68
N VAL A 36 -12.02 -11.78 3.64
CA VAL A 36 -12.63 -10.55 4.15
C VAL A 36 -11.56 -9.49 4.29
N ALA A 37 -12.00 -8.24 4.46
CA ALA A 37 -11.14 -7.10 4.73
C ALA A 37 -11.40 -6.61 6.14
N ILE A 38 -10.32 -6.29 6.86
CA ILE A 38 -10.39 -5.92 8.27
C ILE A 38 -9.74 -4.56 8.46
N LYS A 39 -10.38 -3.71 9.24
CA LYS A 39 -9.84 -2.41 9.61
C LYS A 39 -9.49 -2.42 11.09
N LEU A 40 -8.30 -1.94 11.42
CA LEU A 40 -7.84 -1.88 12.81
C LEU A 40 -7.43 -0.47 13.17
N GLU A 41 -7.86 -0.02 14.35
CA GLU A 41 -7.42 1.24 14.95
C GLU A 41 -6.95 0.95 16.36
N CYS A 42 -5.76 1.45 16.71
CA CYS A 42 -5.27 1.29 18.07
C CYS A 42 -6.24 1.94 19.05
N VAL A 43 -6.41 1.32 20.22
CA VAL A 43 -7.41 1.81 21.17
C VAL A 43 -6.97 3.12 21.79
N LYS A 44 -5.70 3.24 22.13
CA LYS A 44 -5.23 4.34 22.98
C LYS A 44 -4.97 5.63 22.21
N THR A 45 -5.44 5.75 20.97
CA THR A 45 -5.39 7.02 20.28
C THR A 45 -6.28 8.04 20.99
N LYS A 46 -5.77 9.25 21.15
CA LYS A 46 -6.53 10.30 21.83
C LYS A 46 -7.75 10.76 21.03
N HIS A 47 -7.85 10.37 19.76
CA HIS A 47 -8.98 10.71 18.91
C HIS A 47 -9.49 9.43 18.27
N PRO A 48 -10.20 8.59 19.03
CA PRO A 48 -10.76 7.36 18.44
C PRO A 48 -11.93 7.68 17.52
N GLN A 49 -11.92 7.06 16.33
CA GLN A 49 -12.94 7.34 15.33
C GLN A 49 -13.48 6.08 14.65
N LEU A 50 -12.92 4.90 14.93
CA LEU A 50 -13.39 3.70 14.25
C LEU A 50 -14.84 3.40 14.59
N HIS A 51 -15.21 3.51 15.87
CA HIS A 51 -16.57 3.20 16.25
C HIS A 51 -17.56 4.12 15.54
N ILE A 52 -17.20 5.40 15.38
CA ILE A 52 -18.08 6.34 14.67
C ILE A 52 -18.28 5.88 13.24
N GLU A 53 -17.20 5.50 12.56
CA GLU A 53 -17.32 5.05 11.17
C GLU A 53 -18.19 3.79 11.10
N SER A 54 -18.00 2.86 12.04
CA SER A 54 -18.74 1.61 12.00
C SER A 54 -20.24 1.86 12.08
N LYS A 55 -20.66 2.78 12.96
CA LYS A 55 -22.08 3.09 13.07
C LYS A 55 -22.62 3.69 11.78
N ILE A 56 -21.81 4.52 11.11
CA ILE A 56 -22.22 5.02 9.81
C ILE A 56 -22.34 3.87 8.81
N TYR A 57 -21.35 2.99 8.78
CA TYR A 57 -21.42 1.82 7.92
C TYR A 57 -22.68 1.02 8.20
N LYS A 58 -23.02 0.85 9.48
CA LYS A 58 -24.24 0.13 9.84
C LYS A 58 -25.48 0.86 9.30
N MET A 59 -25.49 2.18 9.39
CA MET A 59 -26.62 2.94 8.86
C MET A 59 -26.76 2.77 7.36
N MET A 60 -25.64 2.61 6.64
CA MET A 60 -25.68 2.47 5.19
C MET A 60 -26.01 1.05 4.74
N GLN A 61 -26.07 0.08 5.65
CA GLN A 61 -26.29 -1.30 5.25
C GLN A 61 -27.63 -1.45 4.54
N GLY A 62 -27.67 -2.32 3.54
CA GLY A 62 -28.83 -2.57 2.74
C GLY A 62 -28.88 -1.79 1.44
N GLY A 63 -28.08 -0.73 1.33
CA GLY A 63 -28.06 0.04 0.12
C GLY A 63 -27.18 -0.57 -0.95
N VAL A 64 -27.44 -0.17 -2.19
CA VAL A 64 -26.69 -0.67 -3.32
C VAL A 64 -25.27 -0.12 -3.24
N GLY A 65 -24.28 -1.02 -3.34
CA GLY A 65 -22.90 -0.60 -3.38
C GLY A 65 -22.29 -0.29 -2.03
N ILE A 66 -22.95 -0.65 -0.94
CA ILE A 66 -22.41 -0.45 0.41
C ILE A 66 -21.81 -1.78 0.88
N PRO A 67 -20.52 -1.81 1.22
CA PRO A 67 -19.94 -3.09 1.67
C PRO A 67 -20.68 -3.64 2.88
N THR A 68 -20.84 -4.96 2.89
CA THR A 68 -21.53 -5.63 3.98
C THR A 68 -20.58 -5.83 5.16
N ILE A 69 -21.05 -5.48 6.35
CA ILE A 69 -20.24 -5.66 7.55
C ILE A 69 -20.41 -7.10 8.03
N ARG A 70 -19.29 -7.79 8.25
CA ARG A 70 -19.32 -9.13 8.79
C ARG A 70 -19.21 -9.14 10.32
N TRP A 71 -18.40 -8.26 10.88
CA TRP A 71 -18.26 -8.14 12.33
C TRP A 71 -17.62 -6.80 12.68
N GLY A 73 -15.89 -5.10 16.44
CA GLY A 73 -15.68 -5.26 17.87
C GLY A 73 -14.35 -4.76 18.39
N ALA A 74 -13.84 -5.44 19.42
CA ALA A 74 -12.58 -5.07 20.06
C ALA A 74 -11.72 -6.30 20.26
N GLU A 75 -10.43 -6.17 19.98
CA GLU A 75 -9.48 -7.27 20.15
C GLU A 75 -8.13 -6.69 20.53
N GLY A 76 -7.56 -7.17 21.62
CA GLY A 76 -6.25 -6.71 22.04
C GLY A 76 -6.24 -5.20 22.18
N ASP A 77 -5.25 -4.57 21.55
CA ASP A 77 -5.10 -3.11 21.57
C ASP A 77 -5.64 -2.47 20.31
N TYR A 78 -6.76 -2.98 19.77
CA TYR A 78 -7.32 -2.42 18.55
C TYR A 78 -8.84 -2.53 18.56
N ASN A 79 -9.50 -1.48 18.08
CA ASN A 79 -10.87 -1.58 17.60
C ASN A 79 -10.84 -2.22 16.21
N VAL A 80 -11.84 -3.03 15.89
CA VAL A 80 -11.78 -3.87 14.70
C VAL A 80 -13.13 -3.86 13.98
N MET A 81 -13.07 -3.73 12.64
CA MET A 81 -14.23 -3.84 11.78
C MET A 81 -13.90 -4.80 10.63
N VAL A 82 -14.86 -5.66 10.28
CA VAL A 82 -14.68 -6.69 9.27
C VAL A 82 -15.67 -6.44 8.14
N MET A 83 -15.14 -6.28 6.92
CA MET A 83 -15.92 -6.03 5.72
C MET A 83 -15.80 -7.21 4.77
N GLU A 84 -16.81 -7.39 3.92
CA GLU A 84 -16.67 -8.30 2.80
C GLU A 84 -15.58 -7.78 1.88
N LEU A 85 -14.78 -8.71 1.34
CA LEU A 85 -13.70 -8.31 0.44
C LEU A 85 -14.27 -7.81 -0.88
N LEU A 86 -13.74 -6.70 -1.36
CA LEU A 86 -14.13 -6.12 -2.64
C LEU A 86 -12.92 -6.07 -3.55
N GLY A 87 -13.15 -5.62 -4.78
CA GLY A 87 -12.13 -5.60 -5.80
C GLY A 87 -11.28 -4.34 -5.72
N PRO A 88 -10.55 -4.06 -6.79
CA PRO A 88 -9.66 -2.89 -6.78
C PRO A 88 -10.46 -1.60 -6.78
N SER A 89 -9.80 -0.54 -6.32
CA SER A 89 -10.38 0.79 -6.41
C SER A 89 -10.32 1.30 -7.85
N LEU A 90 -11.09 2.36 -8.13
CA LEU A 90 -11.06 2.94 -9.46
C LEU A 90 -9.68 3.52 -9.78
N GLU A 91 -8.96 4.00 -8.77
CA GLU A 91 -7.58 4.44 -8.99
C GLU A 91 -6.69 3.27 -9.42
N ASP A 92 -6.84 2.12 -8.76
CA ASP A 92 -6.04 0.96 -9.14
C ASP A 92 -6.29 0.59 -10.60
N LEU A 93 -7.56 0.54 -11.00
CA LEU A 93 -7.91 0.20 -12.38
C LEU A 93 -7.45 1.29 -13.33
N PHE A 94 -7.54 2.55 -12.91
CA PHE A 94 -7.09 3.66 -13.74
C PHE A 94 -5.62 3.50 -14.11
N ASN A 95 -4.78 3.16 -13.12
CA ASN A 95 -3.37 2.90 -13.41
C ASN A 95 -3.21 1.67 -14.30
N PHE A 96 -4.01 0.62 -14.06
CA PHE A 96 -3.92 -0.56 -14.90
C PHE A 96 -4.31 -0.27 -16.33
N CYS A 97 -5.21 0.69 -16.53
CA CYS A 97 -5.59 1.14 -17.87
C CYS A 97 -4.71 2.26 -18.38
N SER A 98 -3.49 2.38 -17.86
CA SER A 98 -2.54 3.40 -18.29
C SER A 98 -3.06 4.81 -18.02
N ARG A 99 -3.85 4.98 -16.95
CA ARG A 99 -4.35 6.30 -16.55
C ARG A 99 -5.13 6.96 -17.69
N LYS A 100 -5.99 6.18 -18.33
CA LYS A 100 -6.82 6.68 -19.42
C LYS A 100 -8.06 5.82 -19.48
N PHE A 101 -9.20 6.38 -19.09
CA PHE A 101 -10.49 5.71 -19.18
C PHE A 101 -11.23 6.23 -20.42
N SER A 102 -11.80 5.30 -21.19
CA SER A 102 -12.61 5.67 -22.33
C SER A 102 -13.87 6.40 -21.89
N LEU A 103 -14.43 7.19 -22.81
CA LEU A 103 -15.63 7.97 -22.48
C LEU A 103 -16.76 7.05 -22.03
N LYS A 104 -16.90 5.89 -22.65
CA LYS A 104 -17.94 4.95 -22.27
C LYS A 104 -17.75 4.49 -20.83
N THR A 105 -16.52 4.14 -20.44
CA THR A 105 -16.28 3.71 -19.07
C THR A 105 -16.54 4.83 -18.08
N VAL A 106 -16.16 6.06 -18.42
CA VAL A 106 -16.38 7.17 -17.51
C VAL A 106 -17.87 7.38 -17.28
N LEU A 107 -18.67 7.30 -18.34
CA LEU A 107 -20.12 7.49 -18.17
C LEU A 107 -20.73 6.35 -17.37
N LEU A 108 -20.29 5.11 -17.62
CA LEU A 108 -20.78 3.99 -16.83
C LEU A 108 -20.54 4.22 -15.35
N LEU A 109 -19.29 4.57 -14.98
CA LEU A 109 -18.99 4.85 -13.58
C LEU A 109 -19.80 6.03 -13.08
N ALA A 110 -19.88 7.11 -13.87
CA ALA A 110 -20.55 8.31 -13.41
C ALA A 110 -21.97 8.01 -12.94
N ASP A 111 -22.70 7.19 -13.69
CA ASP A 111 -24.08 6.88 -13.31
C ASP A 111 -24.14 6.25 -11.93
N GLN A 112 -23.27 5.28 -11.66
CA GLN A 112 -23.28 4.62 -10.35
C GLN A 112 -22.75 5.53 -9.26
N MET A 113 -21.66 6.27 -9.53
CA MET A 113 -21.08 7.11 -8.48
C MET A 113 -22.09 8.16 -8.02
N ILE A 114 -22.88 8.71 -8.94
CA ILE A 114 -23.89 9.69 -8.54
C ILE A 114 -24.92 9.03 -7.63
N SER A 115 -25.31 7.79 -7.93
CA SER A 115 -26.32 7.13 -7.12
C SER A 115 -25.76 6.71 -5.77
N ARG A 116 -24.49 6.32 -5.70
CA ARG A 116 -23.86 6.05 -4.41
C ARG A 116 -23.87 7.30 -3.54
N ILE A 117 -23.51 8.44 -4.12
CA ILE A 117 -23.48 9.68 -3.34
C ILE A 117 -24.89 10.07 -2.93
N GLU A 118 -25.87 9.88 -3.82
CA GLU A 118 -27.25 10.18 -3.48
C GLU A 118 -27.72 9.34 -2.30
N TYR A 119 -27.40 8.04 -2.34
CA TYR A 119 -27.86 7.15 -1.28
C TYR A 119 -27.33 7.57 0.08
N ILE A 120 -26.04 7.92 0.15
CA ILE A 120 -25.48 8.42 1.41
C ILE A 120 -26.23 9.67 1.85
N HIS A 121 -26.44 10.61 0.93
CA HIS A 121 -27.22 11.79 1.26
C HIS A 121 -28.61 11.41 1.76
N SER A 122 -29.23 10.42 1.13
CA SER A 122 -30.53 9.94 1.59
C SER A 122 -30.46 9.43 3.03
N LYS A 123 -29.27 9.09 3.52
CA LYS A 123 -29.07 8.71 4.91
C LYS A 123 -28.50 9.85 5.75
N ASN A 124 -28.68 11.10 5.32
CA ASN A 124 -28.40 12.29 6.11
C ASN A 124 -26.91 12.55 6.29
N PHE A 125 -26.05 12.01 5.43
CA PHE A 125 -24.61 12.14 5.57
C PHE A 125 -24.02 12.66 4.27
N ILE A 126 -22.84 13.28 4.38
CA ILE A 126 -22.04 13.67 3.23
C ILE A 126 -20.68 13.01 3.39
N HIS A 127 -20.15 12.48 2.28
CA HIS A 127 -18.93 11.69 2.34
C HIS A 127 -17.71 12.55 2.67
N ARG A 128 -17.57 13.68 1.97
CA ARG A 128 -16.50 14.66 2.16
C ARG A 128 -15.12 14.11 1.81
N ASP A 129 -15.03 12.91 1.24
CA ASP A 129 -13.78 12.34 0.79
C ASP A 129 -13.97 11.61 -0.53
N VAL A 130 -14.69 12.24 -1.46
CA VAL A 130 -14.98 11.64 -2.76
C VAL A 130 -13.72 11.66 -3.60
N LYS A 131 -13.18 10.48 -3.88
CA LYS A 131 -11.96 10.33 -4.67
C LYS A 131 -11.95 8.93 -5.26
N PRO A 132 -11.17 8.70 -6.32
CA PRO A 132 -11.17 7.37 -6.94
C PRO A 132 -10.84 6.23 -5.98
N ASP A 133 -9.93 6.45 -5.04
CA ASP A 133 -9.53 5.38 -4.14
C ASP A 133 -10.68 4.89 -3.27
N ASN A 134 -11.71 5.70 -3.09
CA ASN A 134 -12.82 5.35 -2.21
C ASN A 134 -13.97 4.70 -2.96
N PHE A 135 -13.79 4.42 -4.25
CA PHE A 135 -14.76 3.65 -5.02
C PHE A 135 -14.10 2.33 -5.40
N LEU A 136 -14.64 1.23 -4.89
CA LEU A 136 -14.11 -0.11 -5.16
C LEU A 136 -15.12 -0.91 -5.95
N MET A 137 -14.63 -1.70 -6.90
CA MET A 137 -15.50 -2.58 -7.66
C MET A 137 -15.80 -3.85 -6.87
N GLY A 138 -16.97 -4.42 -7.14
CA GLY A 138 -17.35 -5.67 -6.53
C GLY A 138 -16.59 -6.84 -7.12
N LEU A 139 -16.85 -8.01 -6.55
CA LEU A 139 -16.20 -9.24 -6.97
C LEU A 139 -17.24 -10.24 -7.45
N GLY A 140 -16.82 -11.12 -8.35
CA GLY A 140 -17.71 -12.15 -8.85
C GLY A 140 -18.89 -11.57 -9.61
N LYS A 141 -20.09 -11.97 -9.19
CA LYS A 141 -21.30 -11.49 -9.85
C LYS A 141 -21.48 -9.99 -9.71
N LYS A 142 -20.84 -9.36 -8.72
CA LYS A 142 -20.90 -7.93 -8.51
C LYS A 142 -19.71 -7.22 -9.14
N GLY A 143 -19.06 -7.84 -10.11
CA GLY A 143 -17.85 -7.27 -10.69
C GLY A 143 -18.09 -5.97 -11.43
N ASN A 144 -19.34 -5.65 -11.75
CA ASN A 144 -19.66 -4.40 -12.42
C ASN A 144 -20.35 -3.40 -11.50
N LEU A 145 -20.38 -3.67 -10.19
CA LEU A 145 -21.05 -2.80 -9.23
C LEU A 145 -20.00 -1.97 -8.49
N VAL A 146 -20.15 -0.65 -8.53
CA VAL A 146 -19.23 0.27 -7.89
C VAL A 146 -19.66 0.43 -6.43
N TYR A 147 -18.73 0.19 -5.52
CA TYR A 147 -18.95 0.40 -4.09
C TYR A 147 -18.31 1.70 -3.65
N ILE A 148 -18.80 2.24 -2.53
CA ILE A 148 -18.25 3.44 -1.91
C ILE A 148 -17.87 3.09 -0.48
N ILE A 149 -16.66 3.48 -0.08
CA ILE A 149 -16.06 3.08 1.18
C ILE A 149 -15.57 4.32 1.93
N ASP A 150 -14.97 4.08 3.09
CA ASP A 150 -14.23 5.09 3.84
C ASP A 150 -15.14 6.26 4.24
N PHE A 151 -15.99 5.98 5.23
CA PHE A 151 -16.82 6.98 5.87
C PHE A 151 -16.15 7.64 7.07
N GLY A 152 -14.81 7.67 7.11
CA GLY A 152 -14.13 8.27 8.24
C GLY A 152 -14.34 9.77 8.34
N LEU A 153 -14.34 10.46 7.20
CA LEU A 153 -14.54 11.90 7.15
C LEU A 153 -16.00 12.30 6.95
N ALA A 154 -16.91 11.33 6.95
CA ALA A 154 -18.33 11.64 6.74
C ALA A 154 -18.85 12.49 7.89
N LYS A 155 -19.98 13.14 7.63
CA LYS A 155 -20.55 14.08 8.59
C LYS A 155 -22.02 14.27 8.27
N LYS A 156 -22.84 14.32 9.33
CA LYS A 156 -24.26 14.57 9.16
C LYS A 156 -24.50 15.97 8.61
N TYR A 157 -25.40 16.08 7.63
CA TYR A 157 -25.74 17.38 7.05
C TYR A 157 -27.17 17.80 7.33
N ARG A 158 -28.01 16.91 7.88
CA ARG A 158 -29.36 17.28 8.29
C ARG A 158 -29.75 16.40 9.47
N ASP A 159 -30.66 16.92 10.29
CA ASP A 159 -31.14 16.16 11.43
C ASP A 159 -32.00 14.99 10.97
N ALA A 160 -31.77 13.82 11.60
CA ALA A 160 -32.54 12.64 11.24
C ALA A 160 -34.03 12.84 11.50
N ARG A 161 -34.37 13.47 12.61
CA ARG A 161 -35.77 13.60 12.99
C ARG A 161 -36.51 14.59 12.10
N THR A 162 -35.89 15.75 11.81
CA THR A 162 -36.58 16.84 11.14
C THR A 162 -36.01 17.21 9.77
N HIS A 163 -34.90 16.61 9.36
CA HIS A 163 -34.26 16.93 8.08
C HIS A 163 -33.77 18.38 8.03
N GLN A 164 -33.64 19.03 9.19
CA GLN A 164 -33.17 20.41 9.23
C GLN A 164 -31.71 20.48 8.79
N HIS A 165 -31.46 21.15 7.68
CA HIS A 165 -30.11 21.26 7.15
C HIS A 165 -29.20 21.99 8.12
N ILE A 166 -27.93 21.59 8.16
CA ILE A 166 -26.95 22.25 9.01
C ILE A 166 -26.82 23.69 8.54
N PRO A 167 -26.55 24.64 9.43
CA PRO A 167 -26.44 26.04 9.01
C PRO A 167 -25.21 26.29 8.17
N TYR A 168 -25.32 27.24 7.24
CA TYR A 168 -24.15 27.72 6.52
C TYR A 168 -23.13 28.26 7.51
N ARG A 169 -21.88 27.80 7.40
CA ARG A 169 -20.89 28.07 8.42
C ARG A 169 -19.49 28.01 7.83
N GLU A 170 -18.54 28.63 8.54
CA GLU A 170 -17.13 28.50 8.19
C GLU A 170 -16.58 27.22 8.80
N ASN A 171 -15.89 26.43 7.99
CA ASN A 171 -15.21 25.22 8.45
C ASN A 171 -13.84 25.21 7.79
N LYS A 172 -12.84 25.77 8.47
CA LYS A 172 -11.52 25.93 7.91
C LYS A 172 -10.63 24.70 8.09
N ASN A 173 -11.09 23.67 8.80
CA ASN A 173 -10.30 22.44 8.94
C ASN A 173 -10.46 21.67 7.62
N LEU A 174 -9.56 21.96 6.68
CA LEU A 174 -9.61 21.30 5.38
C LEU A 174 -9.57 19.79 5.56
N THR A 175 -10.67 19.11 5.23
CA THR A 175 -10.82 17.68 5.46
C THR A 175 -11.09 17.00 4.14
N GLY A 176 -10.16 16.14 3.72
CA GLY A 176 -10.28 15.39 2.50
C GLY A 176 -9.09 15.59 1.60
N THR A 177 -9.12 14.90 0.46
CA THR A 177 -8.04 14.99 -0.51
C THR A 177 -8.11 16.33 -1.23
N ALA A 178 -6.97 17.01 -1.31
CA ALA A 178 -6.95 18.33 -1.92
C ALA A 178 -7.29 18.26 -3.40
N ARG A 179 -6.79 17.23 -4.10
CA ARG A 179 -6.90 17.21 -5.55
C ARG A 179 -8.35 17.24 -6.01
N TYR A 180 -9.25 16.59 -5.28
CA TYR A 180 -10.64 16.51 -5.68
C TYR A 180 -11.57 17.33 -4.79
N ALA A 181 -11.02 18.08 -3.84
CA ALA A 181 -11.85 18.84 -2.92
C ALA A 181 -12.64 19.90 -3.67
N SER A 182 -13.85 20.16 -3.19
CA SER A 182 -14.64 21.27 -3.72
C SER A 182 -13.99 22.59 -3.38
N ILE A 183 -14.22 23.60 -4.22
CA ILE A 183 -13.66 24.91 -3.95
C ILE A 183 -14.20 25.45 -2.63
N ASN A 184 -15.47 25.14 -2.31
CA ASN A 184 -16.00 25.54 -1.02
C ASN A 184 -15.09 25.08 0.12
N THR A 185 -14.56 23.85 0.03
CA THR A 185 -13.67 23.35 1.06
C THR A 185 -12.44 24.23 1.19
N HIS A 186 -11.83 24.58 0.05
CA HIS A 186 -10.63 25.41 0.08
C HIS A 186 -10.90 26.78 0.71
N LEU A 187 -12.08 27.33 0.46
CA LEU A 187 -12.45 28.63 1.03
C LEU A 187 -12.90 28.54 2.49
N GLY A 188 -12.69 27.38 3.13
CA GLY A 188 -13.09 27.22 4.51
C GLY A 188 -14.58 27.29 4.73
N ILE A 189 -15.36 26.66 3.85
CA ILE A 189 -16.82 26.67 3.92
C ILE A 189 -17.29 25.25 4.24
N GLU A 190 -18.24 25.15 5.17
CA GLU A 190 -18.79 23.86 5.53
C GLU A 190 -19.31 23.14 4.28
N GLN A 191 -18.92 21.88 4.13
CA GLN A 191 -19.36 21.09 3.00
C GLN A 191 -20.84 20.78 3.12
N SER A 192 -21.48 20.62 1.95
CA SER A 192 -22.86 20.18 1.86
C SER A 192 -22.95 19.16 0.74
N ARG A 193 -24.17 18.80 0.36
CA ARG A 193 -24.38 17.77 -0.67
C ARG A 193 -23.72 18.16 -1.99
N ARG A 194 -23.83 19.43 -2.38
CA ARG A 194 -23.23 19.89 -3.63
C ARG A 194 -21.74 19.60 -3.67
N ASP A 195 -21.08 19.58 -2.51
CA ASP A 195 -19.64 19.39 -2.48
C ASP A 195 -19.25 17.96 -2.83
N ASP A 196 -20.02 16.97 -2.38
CA ASP A 196 -19.74 15.60 -2.80
C ASP A 196 -19.85 15.47 -4.31
N LEU A 197 -20.88 16.09 -4.92
CA LEU A 197 -21.08 15.94 -6.36
C LEU A 197 -20.06 16.77 -7.14
N GLU A 198 -19.71 17.94 -6.63
CA GLU A 198 -18.64 18.71 -7.27
C GLU A 198 -17.34 17.92 -7.27
N SER A 199 -17.00 17.30 -6.13
CA SER A 199 -15.79 16.49 -6.07
C SER A 199 -15.86 15.34 -7.08
N LEU A 200 -17.02 14.70 -7.21
CA LEU A 200 -17.18 13.67 -8.21
C LEU A 200 -16.92 14.20 -9.61
N GLY A 201 -17.41 15.40 -9.92
CA GLY A 201 -17.14 15.97 -11.23
C GLY A 201 -15.65 16.06 -11.52
N TYR A 202 -14.87 16.51 -10.53
CA TYR A 202 -13.41 16.55 -10.72
C TYR A 202 -12.86 15.15 -10.93
N VAL A 203 -13.44 14.15 -10.27
CA VAL A 203 -13.01 12.78 -10.47
C VAL A 203 -13.28 12.35 -11.91
N LEU A 204 -14.45 12.68 -12.45
CA LEU A 204 -14.77 12.26 -13.81
C LEU A 204 -13.82 12.91 -14.81
N MET A 205 -13.51 14.19 -14.62
CA MET A 205 -12.55 14.85 -15.50
C MET A 205 -11.14 14.32 -15.25
N TYR A 206 -10.85 13.87 -14.04
CA TYR A 206 -9.59 13.17 -13.81
C TYR A 206 -9.49 11.94 -14.68
N PHE A 207 -10.55 11.13 -14.73
CA PHE A 207 -10.54 9.96 -15.58
C PHE A 207 -10.41 10.34 -17.06
N ASN A 208 -11.12 11.40 -17.47
CA ASN A 208 -11.08 11.79 -18.88
C ASN A 208 -9.71 12.27 -19.29
N LEU A 209 -9.10 13.14 -18.47
CA LEU A 209 -7.86 13.80 -18.87
C LEU A 209 -6.62 12.97 -18.56
N GLY A 210 -6.66 12.16 -17.50
CA GLY A 210 -5.51 11.45 -17.00
C GLY A 210 -4.80 12.14 -15.85
N SER A 211 -5.03 13.44 -15.69
CA SER A 211 -4.48 14.22 -14.60
C SER A 211 -5.17 15.56 -14.58
N LEU A 212 -5.44 16.08 -13.39
CA LEU A 212 -6.07 17.39 -13.29
C LEU A 212 -5.02 18.48 -13.38
N PRO A 213 -5.39 19.67 -13.88
CA PRO A 213 -4.39 20.72 -14.10
C PRO A 213 -3.68 21.19 -12.85
N TRP A 214 -4.29 21.02 -11.68
CA TRP A 214 -3.67 21.45 -10.43
C TRP A 214 -2.86 20.35 -9.75
N GLN A 215 -2.40 19.36 -10.51
CA GLN A 215 -1.55 18.31 -9.97
C GLN A 215 -0.08 18.68 -10.11
N GLY A 216 0.73 18.13 -9.22
CA GLY A 216 2.17 18.29 -9.32
C GLY A 216 2.67 19.72 -9.18
N LEU A 217 2.18 20.44 -8.17
CA LEU A 217 2.68 21.78 -7.90
C LEU A 217 3.78 21.76 -6.84
N ARG A 223 0.87 21.96 3.60
CA ARG A 223 0.04 23.13 3.80
C ARG A 223 0.21 24.11 2.64
N GLN A 224 1.45 24.26 2.17
CA GLN A 224 1.71 25.16 1.06
C GLN A 224 1.03 24.67 -0.21
N LYS A 225 1.09 23.36 -0.47
CA LYS A 225 0.50 22.83 -1.70
C LYS A 225 -1.01 22.98 -1.71
N TYR A 226 -1.65 22.94 -0.55
CA TYR A 226 -3.10 23.12 -0.50
C TYR A 226 -3.49 24.49 -1.04
N GLU A 227 -2.74 25.53 -0.67
CA GLU A 227 -3.01 26.87 -1.19
C GLU A 227 -2.76 26.93 -2.69
N ARG A 228 -1.70 26.29 -3.18
CA ARG A 228 -1.42 26.29 -4.60
C ARG A 228 -2.52 25.60 -5.38
N ILE A 229 -2.99 24.45 -4.90
CA ILE A 229 -4.09 23.75 -5.57
C ILE A 229 -5.33 24.63 -5.58
N SER A 230 -5.60 25.32 -4.47
CA SER A 230 -6.76 26.20 -4.41
C SER A 230 -6.66 27.31 -5.43
N GLU A 231 -5.49 27.94 -5.54
CA GLU A 231 -5.32 29.02 -6.51
C GLU A 231 -5.55 28.52 -7.93
N LYS A 232 -4.93 27.38 -8.28
CA LYS A 232 -5.08 26.87 -9.64
C LYS A 232 -6.51 26.42 -9.90
N LYS A 233 -7.17 25.84 -8.89
CA LYS A 233 -8.56 25.45 -9.06
C LYS A 233 -9.43 26.67 -9.32
N MET A 234 -9.19 27.76 -8.59
CA MET A 234 -9.95 28.99 -8.78
C MET A 234 -9.51 29.74 -10.04
N SER A 235 -8.33 29.46 -10.55
CA SER A 235 -7.84 30.07 -11.79
C SER A 235 -8.15 29.23 -13.02
N THR A 236 -8.89 28.12 -12.87
CA THR A 236 -9.20 27.24 -13.97
C THR A 236 -10.69 27.31 -14.28
N PRO A 237 -11.09 27.98 -15.37
CA PRO A 237 -12.49 27.92 -15.77
C PRO A 237 -12.88 26.53 -16.24
N ILE A 238 -14.15 26.18 -16.01
CA ILE A 238 -14.63 24.86 -16.42
C ILE A 238 -14.51 24.69 -17.93
N GLU A 239 -14.67 25.78 -18.68
CA GLU A 239 -14.51 25.70 -20.13
C GLU A 239 -13.10 25.25 -20.49
N VAL A 240 -12.11 25.77 -19.78
CA VAL A 240 -10.73 25.35 -19.99
C VAL A 240 -10.53 23.91 -19.53
N LEU A 241 -11.07 23.58 -18.35
CA LEU A 241 -10.87 22.25 -17.79
C LEU A 241 -11.48 21.17 -18.67
N CYS A 242 -12.69 21.43 -19.19
CA CYS A 242 -13.43 20.45 -19.95
C CYS A 242 -13.30 20.61 -21.45
N LYS A 243 -12.38 21.45 -21.91
CA LYS A 243 -12.21 21.64 -23.34
C LYS A 243 -11.88 20.32 -24.02
N GLY A 244 -12.56 20.05 -25.13
CA GLY A 244 -12.35 18.84 -25.89
C GLY A 244 -13.25 17.68 -25.51
N TYR A 245 -13.96 17.77 -24.38
CA TYR A 245 -14.84 16.72 -23.91
C TYR A 245 -16.31 17.16 -24.01
N PRO A 246 -17.24 16.22 -23.97
CA PRO A 246 -18.65 16.57 -24.16
C PRO A 246 -19.11 17.61 -23.16
N SER A 247 -20.04 18.46 -23.61
CA SER A 247 -20.49 19.58 -22.80
C SER A 247 -21.09 19.15 -21.47
N GLU A 248 -21.57 17.90 -21.37
CA GLU A 248 -22.27 17.49 -20.16
C GLU A 248 -21.37 17.56 -18.93
N PHE A 249 -20.06 17.34 -19.10
CA PHE A 249 -19.15 17.41 -17.97
C PHE A 249 -19.06 18.83 -17.43
N ALA A 250 -18.93 19.81 -18.33
CA ALA A 250 -18.97 21.21 -17.91
C ALA A 250 -20.34 21.54 -17.30
N THR A 251 -21.41 21.05 -17.91
CA THR A 251 -22.74 21.29 -17.35
C THR A 251 -22.86 20.68 -15.96
N TYR A 252 -22.31 19.48 -15.77
CA TYR A 252 -22.38 18.83 -14.46
C TYR A 252 -21.67 19.64 -13.40
N LEU A 253 -20.44 20.09 -13.69
CA LEU A 253 -19.69 20.85 -12.71
C LEU A 253 -20.36 22.19 -12.40
N ASN A 254 -20.86 22.87 -13.43
CA ASN A 254 -21.52 24.16 -13.22
C ASN A 254 -22.76 24.01 -12.35
N PHE A 255 -23.53 22.94 -12.58
CA PHE A 255 -24.70 22.71 -11.74
C PHE A 255 -24.33 22.49 -10.29
N CYS A 256 -23.28 21.71 -10.02
CA CYS A 256 -22.88 21.45 -8.64
C CYS A 256 -22.29 22.68 -7.97
N ARG A 257 -21.46 23.42 -8.71
CA ARG A 257 -20.83 24.61 -8.14
C ARG A 257 -21.88 25.66 -7.80
N SER A 258 -22.90 25.81 -8.64
CA SER A 258 -23.93 26.83 -8.44
C SER A 258 -25.05 26.37 -7.52
N LEU A 259 -25.09 25.09 -7.16
CA LEU A 259 -26.12 24.59 -6.25
C LEU A 259 -26.08 25.36 -4.94
N ARG A 260 -27.25 25.72 -4.43
CA ARG A 260 -27.31 26.40 -3.15
C ARG A 260 -26.87 25.45 -2.04
N PHE A 261 -26.42 26.04 -0.93
CA PHE A 261 -25.79 25.27 0.13
C PHE A 261 -26.71 24.18 0.67
N ASP A 262 -27.98 24.52 0.93
CA ASP A 262 -28.91 23.60 1.55
C ASP A 262 -29.85 22.94 0.54
N ASP A 263 -29.63 23.16 -0.75
CA ASP A 263 -30.52 22.62 -1.77
C ASP A 263 -30.29 21.13 -1.98
N LYS A 264 -31.38 20.39 -2.16
CA LYS A 264 -31.29 18.99 -2.51
C LYS A 264 -30.87 18.89 -3.97
N PRO A 265 -29.79 18.19 -4.31
CA PRO A 265 -29.39 18.10 -5.71
C PRO A 265 -30.42 17.34 -6.53
N ASP A 266 -30.50 17.69 -7.82
CA ASP A 266 -31.34 16.98 -8.78
C ASP A 266 -30.53 15.80 -9.33
N TYR A 267 -30.44 14.75 -8.52
CA TYR A 267 -29.62 13.60 -8.89
C TYR A 267 -30.07 13.01 -10.22
N SER A 268 -31.38 12.88 -10.42
CA SER A 268 -31.90 12.30 -11.66
C SER A 268 -31.50 13.13 -12.87
N TYR A 269 -31.54 14.45 -12.75
CA TYR A 269 -31.13 15.30 -13.87
C TYR A 269 -29.64 15.13 -14.17
N LEU A 270 -28.81 15.01 -13.13
CA LEU A 270 -27.39 14.81 -13.34
C LEU A 270 -27.11 13.46 -14.00
N ARG A 271 -27.78 12.40 -13.53
CA ARG A 271 -27.59 11.09 -14.15
C ARG A 271 -28.11 11.09 -15.59
N GLN A 272 -29.26 11.71 -15.84
CA GLN A 272 -29.81 11.74 -17.19
C GLN A 272 -28.92 12.52 -18.14
N LEU A 273 -28.17 13.49 -17.63
CA LEU A 273 -27.23 14.22 -18.47
C LEU A 273 -26.26 13.26 -19.15
N PHE A 274 -25.70 12.33 -18.37
CA PHE A 274 -24.73 11.38 -18.93
C PHE A 274 -25.42 10.20 -19.60
N ARG A 275 -26.60 9.80 -19.13
CA ARG A 275 -27.34 8.73 -19.79
C ARG A 275 -27.74 9.13 -21.19
N ASN A 276 -28.24 10.36 -21.35
CA ASN A 276 -28.58 10.86 -22.68
C ASN A 276 -27.33 10.92 -23.57
N LEU A 277 -26.22 11.41 -23.02
CA LEU A 277 -24.97 11.41 -23.76
C LEU A 277 -24.51 9.99 -24.06
N PHE A 278 -24.74 9.08 -23.11
CA PHE A 278 -24.42 7.66 -23.34
C PHE A 278 -25.17 7.14 -24.55
N HIS A 279 -26.46 7.45 -24.66
CA HIS A 279 -27.25 7.00 -25.81
C HIS A 279 -26.83 7.72 -27.08
N ARG A 280 -26.65 9.04 -27.01
CA ARG A 280 -26.36 9.81 -28.22
C ARG A 280 -25.03 9.38 -28.84
N GLN A 281 -24.06 8.99 -28.02
CA GLN A 281 -22.76 8.57 -28.55
C GLN A 281 -22.81 7.17 -29.15
N GLY A 282 -23.95 6.49 -29.06
CA GLY A 282 -24.06 5.15 -29.60
C GLY A 282 -23.22 4.13 -28.86
N PHE A 283 -23.23 4.17 -27.53
CA PHE A 283 -22.46 3.22 -26.73
C PHE A 283 -23.34 2.04 -26.34
N SER A 284 -22.76 0.84 -26.43
CA SER A 284 -23.44 -0.36 -25.97
C SER A 284 -23.55 -0.35 -24.45
N TYR A 285 -24.66 -0.89 -23.94
CA TYR A 285 -24.91 -1.00 -22.52
C TYR A 285 -24.53 -2.38 -21.99
N ASP A 286 -23.49 -2.99 -22.55
CA ASP A 286 -23.03 -4.29 -22.11
C ASP A 286 -22.37 -4.25 -20.74
N TYR A 287 -22.17 -3.06 -20.16
CA TYR A 287 -21.51 -2.92 -18.87
C TYR A 287 -20.09 -3.48 -18.91
N VAL A 288 -19.41 -3.26 -20.03
CA VAL A 288 -18.04 -3.70 -20.24
C VAL A 288 -17.13 -2.50 -20.06
N PHE A 289 -16.18 -2.60 -19.14
CA PHE A 289 -15.29 -1.51 -18.79
C PHE A 289 -13.97 -1.63 -19.54
N ASP A 290 -13.18 -0.56 -19.48
CA ASP A 290 -11.87 -0.56 -20.13
C ASP A 290 -11.03 -1.76 -19.67
N TRP A 291 -11.01 -2.02 -18.36
CA TRP A 291 -10.17 -3.09 -17.84
C TRP A 291 -10.64 -4.48 -18.27
N ASN A 292 -11.85 -4.58 -18.81
CA ASN A 292 -12.33 -5.84 -19.38
C ASN A 292 -11.84 -6.05 -20.81
N MET A 293 -11.07 -5.12 -21.35
CA MET A 293 -10.56 -5.20 -22.71
C MET A 293 -9.04 -5.24 -22.79
N LEU A 294 -8.35 -5.30 -21.65
CA LEU A 294 -6.89 -5.37 -21.67
C LEU A 294 -6.46 -6.70 -22.27
N LYS A 295 -5.38 -6.65 -23.05
CA LYS A 295 -4.75 -7.84 -23.61
C LYS A 295 -3.53 -8.23 -22.79
N PHE A 296 -3.17 -9.51 -22.86
CA PHE A 296 -2.05 -10.02 -22.10
C PHE A 296 -1.24 -10.98 -22.98
N GLY A 297 -0.03 -11.26 -22.53
CA GLY A 297 0.85 -12.16 -23.24
C GLY A 297 2.15 -12.30 -22.49
N ALA A 298 3.21 -12.66 -23.24
CA ALA A 298 4.54 -12.76 -22.66
C ALA A 298 5.18 -11.38 -22.51
N SER A 299 6.31 -11.34 -21.82
CA SER A 299 7.04 -10.09 -21.62
C SER A 299 7.62 -9.57 -22.93
N MET B 2 -15.89 -10.29 -15.92
CA MET B 2 -16.47 -9.08 -15.29
C MET B 2 -15.45 -8.40 -14.38
N GLU B 3 -15.08 -9.08 -13.29
CA GLU B 3 -13.99 -8.62 -12.46
C GLU B 3 -12.68 -8.73 -13.24
N LEU B 4 -11.77 -7.80 -12.99
CA LEU B 4 -10.48 -7.82 -13.67
C LEU B 4 -9.64 -8.98 -13.14
N ARG B 5 -9.24 -9.88 -14.04
CA ARG B 5 -8.34 -10.98 -13.73
C ARG B 5 -7.10 -10.82 -14.61
N VAL B 6 -5.96 -10.49 -13.99
CA VAL B 6 -4.73 -10.36 -14.75
C VAL B 6 -4.41 -11.71 -15.38
N GLY B 7 -4.14 -11.69 -16.68
CA GLY B 7 -3.89 -12.92 -17.41
C GLY B 7 -5.04 -13.88 -17.40
N ASN B 8 -6.26 -13.40 -17.14
CA ASN B 8 -7.47 -14.20 -17.00
C ASN B 8 -7.48 -15.06 -15.75
N ARG B 9 -6.48 -14.92 -14.86
CA ARG B 9 -6.32 -15.84 -13.75
C ARG B 9 -6.19 -15.17 -12.39
N TYR B 10 -5.57 -14.00 -12.34
CA TYR B 10 -5.23 -13.35 -11.07
C TYR B 10 -6.17 -12.18 -10.84
N ARG B 11 -7.20 -12.41 -10.02
CA ARG B 11 -8.17 -11.38 -9.70
C ARG B 11 -7.48 -10.23 -8.97
N LEU B 12 -7.54 -9.05 -9.57
CA LEU B 12 -6.76 -7.93 -9.06
C LEU B 12 -7.37 -7.36 -7.78
N GLY B 13 -6.50 -6.93 -6.87
CA GLY B 13 -6.91 -6.20 -5.69
C GLY B 13 -6.26 -4.83 -5.61
N ARG B 14 -6.43 -4.15 -4.49
CA ARG B 14 -5.90 -2.80 -4.35
C ARG B 14 -4.38 -2.79 -4.28
N LYS B 15 -3.78 -1.69 -4.73
CA LYS B 15 -2.35 -1.51 -4.55
C LYS B 15 -2.03 -1.54 -3.05
N ILE B 16 -0.99 -2.27 -2.70
CA ILE B 16 -0.55 -2.38 -1.31
C ILE B 16 0.71 -1.57 -1.04
N GLY B 17 1.45 -1.19 -2.07
CA GLY B 17 2.66 -0.42 -1.87
C GLY B 17 3.49 -0.38 -3.14
N SER B 18 4.75 -0.02 -2.96
CA SER B 18 5.69 0.09 -4.06
C SER B 18 7.02 -0.53 -3.66
N GLY B 19 7.65 -1.22 -4.59
CA GLY B 19 8.95 -1.81 -4.40
C GLY B 19 10.04 -0.81 -4.74
N SER B 20 11.25 -1.35 -4.90
CA SER B 20 12.38 -0.47 -5.21
C SER B 20 12.18 0.23 -6.55
N PHE B 21 11.48 -0.40 -7.51
CA PHE B 21 11.30 0.19 -8.82
C PHE B 21 9.93 -0.01 -9.44
N GLY B 22 8.95 -0.57 -8.72
CA GLY B 22 7.67 -0.86 -9.34
C GLY B 22 6.50 -0.75 -8.38
N ASP B 23 5.30 -0.88 -8.93
CA ASP B 23 4.06 -0.86 -8.18
C ASP B 23 3.63 -2.29 -7.87
N ILE B 24 3.27 -2.55 -6.62
CA ILE B 24 2.87 -3.87 -6.16
C ILE B 24 1.39 -3.86 -5.83
N TYR B 25 0.65 -4.81 -6.40
CA TYR B 25 -0.76 -4.99 -6.13
C TYR B 25 -0.97 -6.39 -5.54
N LEU B 26 -1.99 -6.52 -4.71
CA LEU B 26 -2.41 -7.83 -4.26
C LEU B 26 -3.44 -8.40 -5.23
N GLY B 27 -3.53 -9.73 -5.24
CA GLY B 27 -4.47 -10.39 -6.11
C GLY B 27 -4.75 -11.80 -5.60
N THR B 28 -5.67 -12.46 -6.30
CA THR B 28 -6.07 -13.82 -5.95
C THR B 28 -5.94 -14.70 -7.19
N ASP B 29 -5.17 -15.78 -7.05
CA ASP B 29 -5.12 -16.84 -8.05
C ASP B 29 -6.40 -17.64 -7.88
N ILE B 30 -7.43 -17.29 -8.66
CA ILE B 30 -8.72 -17.97 -8.53
C ILE B 30 -8.58 -19.43 -8.89
N ALA B 31 -7.62 -19.79 -9.75
CA ALA B 31 -7.43 -21.19 -10.12
C ALA B 31 -6.86 -21.99 -8.96
N ALA B 32 -5.69 -21.57 -8.45
CA ALA B 32 -5.08 -22.25 -7.32
C ALA B 32 -5.71 -21.88 -5.99
N GLY B 33 -6.58 -20.88 -5.96
CA GLY B 33 -7.14 -20.44 -4.69
C GLY B 33 -6.09 -19.94 -3.73
N GLU B 34 -5.06 -19.27 -4.24
CA GLU B 34 -3.97 -18.74 -3.43
C GLU B 34 -3.86 -17.24 -3.65
N GLU B 35 -3.58 -16.51 -2.57
CA GLU B 35 -3.31 -15.09 -2.70
C GLU B 35 -1.97 -14.87 -3.42
N VAL B 36 -1.89 -13.77 -4.16
CA VAL B 36 -0.68 -13.44 -4.90
C VAL B 36 -0.39 -11.95 -4.73
N ALA B 37 0.84 -11.58 -5.05
CA ALA B 37 1.26 -10.19 -5.13
C ALA B 37 1.73 -9.94 -6.56
N ILE B 38 1.29 -8.82 -7.14
CA ILE B 38 1.50 -8.52 -8.55
C ILE B 38 2.35 -7.27 -8.64
N LYS B 39 3.47 -7.38 -9.36
CA LYS B 39 4.39 -6.26 -9.57
C LYS B 39 4.28 -5.79 -11.01
N LEU B 40 4.19 -4.48 -11.20
CA LEU B 40 3.98 -3.89 -12.51
C LEU B 40 5.16 -3.02 -12.93
N GLU B 41 5.47 -3.02 -14.22
CA GLU B 41 6.47 -2.14 -14.80
C GLU B 41 6.06 -1.85 -16.23
N CYS B 42 6.09 -0.57 -16.60
CA CYS B 42 5.72 -0.18 -17.95
C CYS B 42 6.61 -0.87 -18.97
N VAL B 43 6.00 -1.46 -19.99
CA VAL B 43 6.78 -2.13 -21.03
C VAL B 43 7.74 -1.14 -21.68
N LYS B 44 7.27 0.06 -21.96
CA LYS B 44 8.06 1.09 -22.62
C LYS B 44 8.81 1.98 -21.62
N THR B 45 9.12 1.46 -20.44
CA THR B 45 9.94 2.20 -19.50
C THR B 45 11.37 2.30 -20.03
N LYS B 46 12.08 3.33 -19.57
CA LYS B 46 13.39 3.63 -20.14
C LYS B 46 14.41 2.57 -19.75
N HIS B 47 14.46 2.20 -18.48
CA HIS B 47 15.43 1.23 -17.97
C HIS B 47 14.69 0.05 -17.37
N PRO B 48 14.38 -0.98 -18.15
CA PRO B 48 13.62 -2.10 -17.62
C PRO B 48 14.38 -2.81 -16.51
N GLN B 49 13.65 -3.18 -15.46
CA GLN B 49 14.21 -3.87 -14.31
C GLN B 49 13.48 -5.15 -13.95
N LEU B 50 12.22 -5.31 -14.34
CA LEU B 50 11.43 -6.45 -13.89
C LEU B 50 12.03 -7.77 -14.39
N HIS B 51 12.49 -7.81 -15.64
CA HIS B 51 13.04 -9.05 -16.16
C HIS B 51 14.29 -9.48 -15.39
N ILE B 52 15.17 -8.52 -15.07
CA ILE B 52 16.37 -8.85 -14.31
C ILE B 52 15.98 -9.38 -12.94
N GLU B 53 15.01 -8.74 -12.28
CA GLU B 53 14.55 -9.23 -10.98
C GLU B 53 13.94 -10.63 -11.12
N SER B 54 13.15 -10.86 -12.17
CA SER B 54 12.52 -12.16 -12.33
C SER B 54 13.56 -13.25 -12.54
N LYS B 55 14.60 -12.95 -13.32
CA LYS B 55 15.69 -13.91 -13.51
C LYS B 55 16.36 -14.22 -12.17
N ILE B 56 16.58 -13.19 -11.34
CA ILE B 56 17.19 -13.40 -10.03
C ILE B 56 16.30 -14.29 -9.17
N TYR B 57 15.01 -13.99 -9.14
CA TYR B 57 14.08 -14.80 -8.35
C TYR B 57 14.07 -16.24 -8.83
N LYS B 58 14.04 -16.46 -10.15
CA LYS B 58 14.04 -17.82 -10.67
C LYS B 58 15.33 -18.55 -10.32
N MET B 59 16.46 -17.84 -10.36
CA MET B 59 17.72 -18.45 -9.96
C MET B 59 17.69 -18.88 -8.50
N MET B 60 17.06 -18.07 -7.64
CA MET B 60 16.95 -18.38 -6.23
C MET B 60 15.79 -19.31 -5.91
N GLN B 61 15.01 -19.72 -6.92
CA GLN B 61 13.86 -20.55 -6.67
C GLN B 61 14.27 -21.86 -5.99
N GLY B 62 13.47 -22.28 -5.01
CA GLY B 62 13.75 -23.45 -4.23
C GLY B 62 14.49 -23.18 -2.95
N GLY B 63 15.16 -22.04 -2.84
CA GLY B 63 15.82 -21.69 -1.60
C GLY B 63 14.81 -21.38 -0.51
N VAL B 64 15.18 -21.75 0.72
CA VAL B 64 14.31 -21.50 1.87
C VAL B 64 14.12 -20.00 2.03
N GLY B 65 12.87 -19.57 2.14
CA GLY B 65 12.59 -18.16 2.29
C GLY B 65 12.67 -17.35 1.02
N ILE B 66 12.54 -17.98 -0.13
CA ILE B 66 12.49 -17.29 -1.42
C ILE B 66 11.09 -17.46 -1.99
N PRO B 67 10.34 -16.39 -2.23
CA PRO B 67 9.02 -16.54 -2.84
C PRO B 67 9.14 -17.07 -4.27
N THR B 68 8.12 -17.82 -4.68
CA THR B 68 8.08 -18.45 -5.99
C THR B 68 7.25 -17.63 -6.97
N ILE B 69 7.77 -17.49 -8.19
CA ILE B 69 7.03 -16.80 -9.25
C ILE B 69 5.88 -17.67 -9.71
N ARG B 70 4.71 -17.06 -9.84
CA ARG B 70 3.53 -17.74 -10.38
C ARG B 70 3.28 -17.44 -11.85
N TRP B 71 3.71 -16.27 -12.33
CA TRP B 71 3.46 -15.89 -13.71
C TRP B 71 4.36 -14.71 -14.08
N CYS B 72 4.99 -14.81 -15.26
CA CYS B 72 5.73 -13.72 -15.87
C CYS B 72 5.09 -13.41 -17.21
N GLY B 73 4.59 -12.20 -17.38
CA GLY B 73 3.94 -11.85 -18.62
C GLY B 73 3.69 -10.37 -18.70
N ALA B 74 2.85 -9.99 -19.66
CA ALA B 74 2.53 -8.59 -19.91
C ALA B 74 1.02 -8.42 -19.92
N GLU B 75 0.58 -7.25 -19.48
CA GLU B 75 -0.84 -6.91 -19.47
C GLU B 75 -0.97 -5.42 -19.78
N GLY B 76 -1.76 -5.08 -20.80
CA GLY B 76 -1.84 -3.69 -21.21
C GLY B 76 -0.47 -3.20 -21.61
N ASP B 77 -0.05 -2.09 -21.00
CA ASP B 77 1.27 -1.52 -21.25
C ASP B 77 2.27 -1.89 -20.17
N TYR B 78 1.98 -2.90 -19.37
CA TYR B 78 2.82 -3.30 -18.26
C TYR B 78 3.39 -4.69 -18.48
N ASN B 79 4.66 -4.85 -18.14
CA ASN B 79 5.20 -6.17 -17.84
C ASN B 79 4.81 -6.52 -16.41
N VAL B 80 4.45 -7.78 -16.20
CA VAL B 80 3.85 -8.22 -14.96
C VAL B 80 4.60 -9.43 -14.43
N MET B 81 4.82 -9.44 -13.11
CA MET B 81 5.36 -10.61 -12.41
C MET B 81 4.47 -10.87 -11.21
N VAL B 82 4.01 -12.11 -11.07
CA VAL B 82 3.08 -12.51 -10.03
C VAL B 82 3.81 -13.41 -9.04
N MET B 83 3.73 -13.06 -7.76
CA MET B 83 4.40 -13.78 -6.69
C MET B 83 3.38 -14.37 -5.73
N GLU B 84 3.73 -15.50 -5.12
CA GLU B 84 2.94 -16.02 -4.02
C GLU B 84 2.90 -15.00 -2.89
N LEU B 85 1.72 -14.81 -2.31
CA LEU B 85 1.59 -13.85 -1.22
C LEU B 85 2.23 -14.40 0.04
N LEU B 86 3.04 -13.57 0.70
CA LEU B 86 3.65 -13.90 1.97
C LEU B 86 2.90 -13.16 3.08
N GLY B 87 3.31 -13.40 4.31
CA GLY B 87 2.72 -12.75 5.45
C GLY B 87 3.18 -11.31 5.58
N PRO B 88 2.82 -10.66 6.68
CA PRO B 88 3.26 -9.27 6.88
C PRO B 88 4.77 -9.18 7.02
N SER B 89 5.30 -8.00 6.69
CA SER B 89 6.73 -7.77 6.85
C SER B 89 7.08 -7.69 8.34
N LEU B 90 8.38 -7.84 8.63
CA LEU B 90 8.83 -7.71 10.02
C LEU B 90 8.55 -6.32 10.55
N GLU B 91 8.66 -5.30 9.70
CA GLU B 91 8.27 -3.95 10.11
C GLU B 91 6.80 -3.90 10.53
N ASP B 92 5.92 -4.54 9.75
CA ASP B 92 4.51 -4.58 10.10
C ASP B 92 4.31 -5.24 11.46
N LEU B 93 4.91 -6.41 11.66
CA LEU B 93 4.78 -7.11 12.94
C LEU B 93 5.47 -6.33 14.06
N PHE B 94 6.55 -5.62 13.74
CA PHE B 94 7.19 -4.76 14.74
C PHE B 94 6.20 -3.72 15.26
N ASN B 95 5.49 -3.05 14.36
CA ASN B 95 4.47 -2.09 14.77
C ASN B 95 3.35 -2.77 15.55
N PHE B 96 2.93 -3.95 15.10
CA PHE B 96 1.88 -4.68 15.79
C PHE B 96 2.29 -5.03 17.21
N CYS B 97 3.59 -5.24 17.45
CA CYS B 97 4.10 -5.61 18.76
C CYS B 97 4.54 -4.39 19.58
N SER B 98 3.93 -3.23 19.34
CA SER B 98 4.27 -2.00 20.06
C SER B 98 5.73 -1.60 19.83
N ARG B 99 6.25 -1.92 18.65
CA ARG B 99 7.63 -1.56 18.29
C ARG B 99 8.62 -2.03 19.35
N LYS B 100 8.40 -3.23 19.85
CA LYS B 100 9.29 -3.81 20.87
C LYS B 100 9.31 -5.33 20.68
N PHE B 101 10.49 -5.87 20.39
CA PHE B 101 10.69 -7.31 20.24
C PHE B 101 11.49 -7.84 21.41
N SER B 102 11.03 -8.95 21.98
CA SER B 102 11.75 -9.60 23.06
C SER B 102 13.05 -10.18 22.55
N LEU B 103 13.96 -10.46 23.48
CA LEU B 103 15.25 -11.04 23.10
C LEU B 103 15.06 -12.31 22.30
N LYS B 104 14.14 -13.17 22.73
CA LYS B 104 13.92 -14.43 22.03
C LYS B 104 13.51 -14.20 20.59
N THR B 105 12.58 -13.26 20.36
CA THR B 105 12.10 -13.02 19.01
C THR B 105 13.22 -12.55 18.09
N VAL B 106 14.04 -11.61 18.57
CA VAL B 106 15.14 -11.10 17.75
C VAL B 106 16.10 -12.24 17.39
N LEU B 107 16.40 -13.11 18.36
CA LEU B 107 17.30 -14.23 18.09
C LEU B 107 16.69 -15.20 17.08
N LEU B 108 15.40 -15.49 17.20
CA LEU B 108 14.75 -16.34 16.21
C LEU B 108 14.87 -15.73 14.82
N LEU B 109 14.62 -14.43 14.71
CA LEU B 109 14.75 -13.74 13.42
C LEU B 109 16.19 -13.71 12.96
N ALA B 110 17.12 -13.43 13.87
CA ALA B 110 18.53 -13.30 13.49
C ALA B 110 19.03 -14.56 12.81
N ASP B 111 18.69 -15.73 13.36
CA ASP B 111 19.17 -16.98 12.78
C ASP B 111 18.73 -17.13 11.33
N GLN B 112 17.45 -16.85 11.05
CA GLN B 112 16.94 -17.00 9.70
C GLN B 112 17.48 -15.91 8.77
N MET B 113 17.53 -14.67 9.25
CA MET B 113 17.93 -13.57 8.38
C MET B 113 19.37 -13.72 7.90
N ILE B 114 20.25 -14.18 8.79
CA ILE B 114 21.63 -14.46 8.35
C ILE B 114 21.62 -15.58 7.32
N SER B 115 20.81 -16.61 7.54
CA SER B 115 20.71 -17.71 6.59
C SER B 115 20.23 -17.22 5.23
N ARG B 116 19.21 -16.35 5.21
CA ARG B 116 18.70 -15.83 3.94
C ARG B 116 19.79 -15.08 3.19
N ILE B 117 20.54 -14.22 3.89
CA ILE B 117 21.59 -13.44 3.25
C ILE B 117 22.68 -14.37 2.72
N GLU B 118 23.05 -15.38 3.50
CA GLU B 118 24.06 -16.32 3.04
C GLU B 118 23.62 -17.02 1.76
N TYR B 119 22.36 -17.46 1.71
CA TYR B 119 21.87 -18.14 0.52
C TYR B 119 21.95 -17.21 -0.70
N ILE B 120 21.56 -15.95 -0.53
CA ILE B 120 21.67 -15.01 -1.64
C ILE B 120 23.13 -14.86 -2.04
N HIS B 121 24.00 -14.61 -1.07
CA HIS B 121 25.43 -14.53 -1.36
C HIS B 121 25.95 -15.83 -1.94
N SER B 122 25.37 -16.96 -1.54
CA SER B 122 25.73 -18.23 -2.13
C SER B 122 25.41 -18.27 -3.63
N LYS B 123 24.38 -17.54 -4.05
CA LYS B 123 23.98 -17.48 -5.45
C LYS B 123 24.64 -16.33 -6.20
N ASN B 124 25.79 -15.84 -5.71
CA ASN B 124 26.59 -14.83 -6.39
C ASN B 124 25.91 -13.46 -6.43
N PHE B 125 25.03 -13.17 -5.48
CA PHE B 125 24.29 -11.93 -5.47
C PHE B 125 24.31 -11.30 -4.09
N ILE B 126 24.23 -9.97 -4.06
CA ILE B 126 24.09 -9.20 -2.84
C ILE B 126 22.77 -8.44 -2.93
N HIS B 127 22.08 -8.34 -1.79
CA HIS B 127 20.76 -7.73 -1.77
C HIS B 127 20.85 -6.21 -1.93
N ARG B 128 21.65 -5.56 -1.07
CA ARG B 128 21.91 -4.12 -1.09
C ARG B 128 20.70 -3.29 -0.67
N ASP B 129 19.63 -3.92 -0.17
CA ASP B 129 18.46 -3.19 0.34
C ASP B 129 17.93 -3.84 1.60
N VAL B 130 18.84 -4.29 2.47
CA VAL B 130 18.44 -5.01 3.67
C VAL B 130 17.71 -4.05 4.59
N LYS B 131 16.45 -4.36 4.91
CA LYS B 131 15.62 -3.55 5.78
C LYS B 131 14.47 -4.41 6.28
N PRO B 132 13.83 -4.03 7.38
CA PRO B 132 12.73 -4.86 7.89
C PRO B 132 11.57 -5.00 6.91
N ASP B 133 11.35 -4.02 6.04
CA ASP B 133 10.27 -4.09 5.09
C ASP B 133 10.47 -5.19 4.05
N ASN B 134 11.70 -5.63 3.84
CA ASN B 134 12.00 -6.62 2.83
C ASN B 134 12.06 -8.04 3.40
N PHE B 135 11.70 -8.22 4.66
CA PHE B 135 11.61 -9.54 5.27
C PHE B 135 10.17 -9.80 5.63
N LEU B 136 9.62 -10.90 5.12
CA LEU B 136 8.21 -11.22 5.28
C LEU B 136 8.05 -12.61 5.86
N MET B 137 7.12 -12.75 6.80
CA MET B 137 6.78 -14.07 7.31
C MET B 137 5.98 -14.85 6.25
N GLY B 138 6.00 -16.17 6.38
CA GLY B 138 5.24 -17.02 5.49
C GLY B 138 3.79 -17.11 5.89
N LEU B 139 3.05 -17.94 5.15
CA LEU B 139 1.64 -18.14 5.37
C LEU B 139 1.39 -19.59 5.76
N GLY B 140 0.35 -19.81 6.55
CA GLY B 140 -0.04 -21.17 6.90
C GLY B 140 1.08 -21.92 7.57
N LYS B 141 1.41 -23.09 7.01
CA LYS B 141 2.45 -23.94 7.60
C LYS B 141 3.81 -23.27 7.55
N LYS B 142 3.98 -22.26 6.71
CA LYS B 142 5.24 -21.54 6.59
C LYS B 142 5.25 -20.25 7.41
N GLY B 143 4.27 -20.07 8.31
CA GLY B 143 4.21 -18.85 9.10
C GLY B 143 5.40 -18.63 10.01
N ASN B 144 6.16 -19.68 10.32
CA ASN B 144 7.37 -19.57 11.12
C ASN B 144 8.59 -19.24 10.28
N LEU B 145 8.44 -19.08 8.98
CA LEU B 145 9.56 -18.92 8.06
C LEU B 145 9.69 -17.46 7.66
N VAL B 146 10.91 -16.94 7.70
CA VAL B 146 11.20 -15.57 7.29
C VAL B 146 11.64 -15.59 5.83
N TYR B 147 10.92 -14.87 4.99
CA TYR B 147 11.25 -14.71 3.58
C TYR B 147 11.98 -13.40 3.34
N ILE B 148 12.66 -13.33 2.19
CA ILE B 148 13.36 -12.14 1.76
C ILE B 148 12.89 -11.79 0.35
N ILE B 149 12.71 -10.50 0.09
CA ILE B 149 12.07 -10.04 -1.14
C ILE B 149 12.86 -8.87 -1.71
N ASP B 150 12.38 -8.36 -2.84
CA ASP B 150 12.86 -7.12 -3.46
C ASP B 150 14.34 -7.20 -3.83
N PHE B 151 14.60 -8.00 -4.87
CA PHE B 151 15.89 -8.02 -5.53
C PHE B 151 16.04 -6.93 -6.61
N GLY B 152 15.23 -5.87 -6.55
CA GLY B 152 15.36 -4.80 -7.52
C GLY B 152 16.70 -4.08 -7.45
N LEU B 153 17.23 -3.93 -6.24
CA LEU B 153 18.54 -3.32 -6.06
C LEU B 153 19.65 -4.36 -5.96
N ALA B 154 19.33 -5.64 -6.12
CA ALA B 154 20.34 -6.69 -5.99
C ALA B 154 21.36 -6.59 -7.12
N LYS B 155 22.57 -7.07 -6.84
CA LYS B 155 23.67 -7.02 -7.78
C LYS B 155 24.50 -8.28 -7.63
N LYS B 156 25.16 -8.67 -8.72
CA LYS B 156 26.07 -9.83 -8.71
C LYS B 156 27.45 -9.35 -8.29
N TYR B 157 28.00 -9.96 -7.25
CA TYR B 157 29.27 -9.53 -6.68
C TYR B 157 30.45 -10.40 -7.07
N ARG B 158 30.21 -11.56 -7.70
CA ARG B 158 31.30 -12.42 -8.15
C ARG B 158 30.87 -13.14 -9.41
N ASP B 159 31.87 -13.54 -10.21
CA ASP B 159 31.60 -14.30 -11.42
C ASP B 159 31.05 -15.67 -11.07
N ALA B 160 30.11 -16.15 -11.89
CA ALA B 160 29.50 -17.44 -11.64
C ALA B 160 30.53 -18.56 -11.73
N ARG B 161 31.42 -18.49 -12.73
CA ARG B 161 32.38 -19.56 -12.95
C ARG B 161 33.61 -19.40 -12.05
N THR B 162 34.34 -18.29 -12.19
CA THR B 162 35.59 -18.10 -11.49
C THR B 162 35.42 -17.60 -10.06
N HIS B 163 34.23 -17.14 -9.68
CA HIS B 163 33.99 -16.58 -8.35
C HIS B 163 34.89 -15.39 -8.07
N GLN B 164 35.32 -14.70 -9.13
CA GLN B 164 36.16 -13.52 -8.98
C GLN B 164 35.31 -12.33 -8.53
N HIS B 165 35.73 -11.69 -7.45
CA HIS B 165 34.98 -10.57 -6.90
C HIS B 165 34.95 -9.41 -7.89
N ILE B 166 33.85 -8.66 -7.88
CA ILE B 166 33.70 -7.48 -8.73
C ILE B 166 34.73 -6.45 -8.29
N PRO B 167 35.08 -5.50 -9.15
CA PRO B 167 36.16 -4.56 -8.80
C PRO B 167 35.72 -3.55 -7.74
N TYR B 168 36.72 -3.03 -7.03
CA TYR B 168 36.49 -2.00 -6.02
C TYR B 168 36.16 -0.68 -6.71
N ARG B 169 34.87 -0.36 -6.79
CA ARG B 169 34.42 0.90 -7.36
C ARG B 169 34.10 1.89 -6.25
N GLU B 170 33.78 3.12 -6.65
CA GLU B 170 33.42 4.17 -5.70
C GLU B 170 32.47 5.13 -6.41
N ASN B 171 32.12 6.22 -5.72
CA ASN B 171 31.20 7.21 -6.25
C ASN B 171 29.82 6.61 -6.52
N LYS B 172 29.48 5.54 -5.79
CA LYS B 172 28.23 4.84 -5.99
C LYS B 172 27.10 5.56 -5.25
N ASN B 173 25.99 5.80 -5.93
CA ASN B 173 24.86 6.49 -5.34
C ASN B 173 24.24 5.64 -4.23
N LEU B 174 23.73 6.32 -3.19
CA LEU B 174 23.16 5.65 -2.02
C LEU B 174 21.81 5.04 -2.39
N THR B 175 21.87 3.87 -3.02
CA THR B 175 20.67 3.15 -3.41
C THR B 175 20.22 2.25 -2.26
N GLY B 176 19.04 2.54 -1.71
CA GLY B 176 18.47 1.80 -0.61
C GLY B 176 18.04 2.74 0.49
N THR B 177 17.93 2.19 1.70
CA THR B 177 17.48 2.93 2.87
C THR B 177 18.69 3.43 3.66
N ALA B 178 18.69 4.71 3.99
CA ALA B 178 19.81 5.27 4.73
C ALA B 178 19.82 4.82 6.18
N ARG B 179 18.64 4.57 6.75
CA ARG B 179 18.60 4.22 8.18
C ARG B 179 19.39 2.95 8.45
N TYR B 180 19.27 1.95 7.59
CA TYR B 180 19.98 0.69 7.76
C TYR B 180 21.20 0.57 6.85
N ALA B 181 21.55 1.63 6.12
CA ALA B 181 22.68 1.56 5.21
C ALA B 181 23.98 1.38 6.00
N SER B 182 24.91 0.62 5.42
CA SER B 182 26.19 0.42 6.06
C SER B 182 27.00 1.69 6.04
N ILE B 183 28.02 1.75 6.92
CA ILE B 183 28.88 2.92 6.97
C ILE B 183 29.64 3.08 5.66
N ASN B 184 30.10 1.96 5.07
CA ASN B 184 30.78 2.02 3.79
C ASN B 184 29.86 2.56 2.70
N THR B 185 28.58 2.18 2.73
CA THR B 185 27.64 2.69 1.74
C THR B 185 27.50 4.20 1.87
N HIS B 186 27.45 4.72 3.10
CA HIS B 186 27.35 6.16 3.29
C HIS B 186 28.52 6.88 2.64
N LEU B 187 29.69 6.24 2.60
CA LEU B 187 30.86 6.81 1.96
C LEU B 187 30.83 6.67 0.44
N GLY B 188 29.83 5.97 -0.11
CA GLY B 188 29.75 5.78 -1.54
C GLY B 188 30.60 4.67 -2.09
N ILE B 189 31.14 3.79 -1.23
CA ILE B 189 31.92 2.67 -1.71
C ILE B 189 31.00 1.61 -2.31
N GLU B 190 31.53 0.85 -3.27
CA GLU B 190 30.77 -0.25 -3.86
C GLU B 190 30.41 -1.26 -2.78
N GLN B 191 29.15 -1.68 -2.77
CA GLN B 191 28.67 -2.61 -1.76
C GLN B 191 29.14 -4.04 -2.07
N SER B 192 29.23 -4.84 -1.03
CA SER B 192 29.63 -6.24 -1.17
C SER B 192 28.93 -7.04 -0.06
N ARG B 193 29.40 -8.25 0.17
CA ARG B 193 28.73 -9.14 1.13
C ARG B 193 28.70 -8.52 2.52
N ARG B 194 29.78 -7.86 2.93
CA ARG B 194 29.83 -7.28 4.26
C ARG B 194 28.69 -6.29 4.49
N ASP B 195 28.42 -5.44 3.50
CA ASP B 195 27.43 -4.38 3.70
C ASP B 195 26.04 -4.95 3.94
N ASP B 196 25.73 -6.12 3.37
CA ASP B 196 24.43 -6.74 3.63
C ASP B 196 24.31 -7.17 5.09
N LEU B 197 25.36 -7.78 5.64
CA LEU B 197 25.31 -8.24 7.03
C LEU B 197 25.43 -7.08 8.01
N GLU B 198 26.18 -6.03 7.66
CA GLU B 198 26.25 -4.85 8.52
C GLU B 198 24.88 -4.20 8.66
N SER B 199 24.15 -4.07 7.55
CA SER B 199 22.78 -3.55 7.61
C SER B 199 21.92 -4.46 8.48
N LEU B 200 22.08 -5.78 8.33
CA LEU B 200 21.35 -6.73 9.16
C LEU B 200 21.60 -6.45 10.64
N GLY B 201 22.85 -6.13 11.00
CA GLY B 201 23.14 -5.78 12.39
C GLY B 201 22.35 -4.58 12.85
N TYR B 202 22.29 -3.54 12.01
CA TYR B 202 21.50 -2.37 12.37
C TYR B 202 20.02 -2.73 12.52
N VAL B 203 19.53 -3.63 11.67
CA VAL B 203 18.14 -4.04 11.75
C VAL B 203 17.88 -4.76 13.07
N LEU B 204 18.79 -5.67 13.46
CA LEU B 204 18.61 -6.41 14.71
C LEU B 204 18.66 -5.47 15.91
N MET B 205 19.60 -4.51 15.90
CA MET B 205 19.64 -3.52 16.97
C MET B 205 18.38 -2.65 16.96
N TYR B 206 17.86 -2.34 15.77
CA TYR B 206 16.62 -1.58 15.66
C TYR B 206 15.47 -2.33 16.32
N PHE B 207 15.38 -3.64 16.09
CA PHE B 207 14.37 -4.44 16.78
C PHE B 207 14.58 -4.42 18.29
N ASN B 208 15.85 -4.48 18.73
CA ASN B 208 16.14 -4.43 20.15
C ASN B 208 15.78 -3.08 20.76
N LEU B 209 16.21 -2.00 20.11
CA LEU B 209 16.02 -0.66 20.68
C LEU B 209 14.59 -0.17 20.48
N GLY B 210 13.97 -0.49 19.35
CA GLY B 210 12.75 0.16 18.92
C GLY B 210 12.97 1.37 18.05
N SER B 211 14.20 1.86 17.95
CA SER B 211 14.54 2.99 17.10
C SER B 211 16.05 3.15 17.11
N LEU B 212 16.62 3.49 15.96
CA LEU B 212 18.05 3.74 15.90
C LEU B 212 18.36 5.16 16.34
N PRO B 213 19.54 5.40 16.92
CA PRO B 213 19.90 6.76 17.37
C PRO B 213 20.10 7.76 16.24
N TRP B 214 20.01 7.34 14.98
CA TRP B 214 20.10 8.24 13.84
C TRP B 214 18.73 8.53 13.23
N GLN B 215 17.66 8.14 13.91
CA GLN B 215 16.31 8.38 13.43
C GLN B 215 15.78 9.72 13.94
N GLY B 216 14.86 10.30 13.18
CA GLY B 216 14.18 11.52 13.59
C GLY B 216 14.93 12.80 13.32
N LEU B 217 16.12 12.73 12.73
CA LEU B 217 16.91 13.93 12.46
C LEU B 217 16.28 14.75 11.34
N ARG B 223 16.39 14.85 0.83
CA ARG B 223 17.29 16.00 0.77
C ARG B 223 18.68 15.62 1.28
N GLN B 224 19.35 16.56 1.94
CA GLN B 224 20.68 16.32 2.48
C GLN B 224 20.66 15.54 3.79
N LYS B 225 19.53 14.93 4.14
CA LYS B 225 19.44 14.17 5.38
C LYS B 225 20.39 12.98 5.41
N TYR B 226 20.84 12.52 4.24
CA TYR B 226 21.77 11.39 4.20
C TYR B 226 23.06 11.71 4.94
N GLU B 227 23.60 12.92 4.73
CA GLU B 227 24.82 13.30 5.42
C GLU B 227 24.63 13.32 6.93
N ARG B 228 23.48 13.80 7.40
CA ARG B 228 23.21 13.84 8.83
C ARG B 228 23.17 12.43 9.41
N ILE B 229 22.49 11.50 8.73
CA ILE B 229 22.40 10.13 9.24
C ILE B 229 23.78 9.49 9.28
N SER B 230 24.59 9.72 8.24
CA SER B 230 25.93 9.17 8.22
C SER B 230 26.78 9.71 9.36
N GLU B 231 26.69 11.02 9.62
CA GLU B 231 27.54 11.63 10.63
C GLU B 231 27.31 10.97 11.99
N LYS B 232 26.04 10.78 12.38
CA LYS B 232 25.76 10.17 13.66
C LYS B 232 26.17 8.69 13.67
N LYS B 233 25.96 7.99 12.55
CA LYS B 233 26.35 6.60 12.48
C LYS B 233 27.84 6.42 12.69
N MET B 234 28.65 7.29 12.05
CA MET B 234 30.10 7.25 12.28
C MET B 234 30.46 7.75 13.67
N SER B 235 29.69 8.70 14.20
CA SER B 235 29.99 9.21 15.54
C SER B 235 29.68 8.17 16.61
N THR B 236 28.62 7.39 16.43
CA THR B 236 28.18 6.47 17.48
C THR B 236 29.08 5.24 17.52
N PRO B 237 29.77 4.97 18.63
CA PRO B 237 30.47 3.70 18.76
C PRO B 237 29.49 2.54 18.86
N ILE B 238 29.94 1.37 18.41
CA ILE B 238 29.11 0.18 18.48
C ILE B 238 28.80 -0.15 19.94
N GLU B 239 29.80 -0.05 20.83
CA GLU B 239 29.55 -0.34 22.23
C GLU B 239 28.53 0.62 22.83
N VAL B 240 28.47 1.86 22.33
CA VAL B 240 27.42 2.78 22.74
C VAL B 240 26.08 2.35 22.18
N LEU B 241 26.05 1.96 20.90
CA LEU B 241 24.78 1.59 20.28
C LEU B 241 24.15 0.39 20.98
N CYS B 242 24.96 -0.61 21.32
CA CYS B 242 24.46 -1.86 21.90
C CYS B 242 24.59 -1.88 23.42
N LYS B 243 24.46 -0.73 24.07
CA LYS B 243 24.67 -0.66 25.51
C LYS B 243 23.57 -1.41 26.25
N GLY B 244 23.96 -2.26 27.20
CA GLY B 244 23.03 -3.02 27.99
C GLY B 244 22.63 -4.32 27.35
N TYR B 245 22.56 -4.35 26.02
CA TYR B 245 22.15 -5.53 25.30
C TYR B 245 23.28 -6.54 25.25
N PRO B 246 22.97 -7.81 24.98
CA PRO B 246 24.00 -8.86 25.06
C PRO B 246 25.19 -8.53 24.17
N SER B 247 26.37 -8.89 24.66
CA SER B 247 27.59 -8.62 23.92
C SER B 247 27.56 -9.19 22.51
N GLU B 248 26.66 -10.15 22.26
CA GLU B 248 26.60 -10.78 20.95
C GLU B 248 26.34 -9.74 19.85
N PHE B 249 25.46 -8.78 20.11
CA PHE B 249 25.10 -7.82 19.09
C PHE B 249 26.26 -6.88 18.77
N ALA B 250 27.02 -6.47 19.79
CA ALA B 250 28.21 -5.67 19.54
C ALA B 250 29.23 -6.47 18.73
N THR B 251 29.44 -7.74 19.10
CA THR B 251 30.40 -8.57 18.38
C THR B 251 30.00 -8.75 16.93
N TYR B 252 28.70 -8.96 16.68
CA TYR B 252 28.24 -9.14 15.30
C TYR B 252 28.56 -7.90 14.47
N LEU B 253 28.16 -6.72 14.95
CA LEU B 253 28.37 -5.50 14.16
C LEU B 253 29.85 -5.24 13.96
N ASN B 254 30.66 -5.47 14.99
CA ASN B 254 32.10 -5.27 14.85
C ASN B 254 32.70 -6.20 13.80
N PHE B 255 32.22 -7.45 13.76
CA PHE B 255 32.72 -8.41 12.78
C PHE B 255 32.41 -7.93 11.36
N CYS B 256 31.18 -7.46 11.12
CA CYS B 256 30.79 -7.05 9.78
C CYS B 256 31.59 -5.82 9.32
N ARG B 257 31.76 -4.83 10.20
CA ARG B 257 32.60 -3.69 9.87
C ARG B 257 34.06 -4.10 9.70
N SER B 258 34.45 -5.24 10.25
CA SER B 258 35.82 -5.73 10.21
C SER B 258 36.10 -6.62 9.00
N LEU B 259 35.30 -6.49 7.94
CA LEU B 259 35.41 -7.35 6.77
C LEU B 259 35.97 -6.56 5.59
N ARG B 260 36.93 -7.17 4.89
CA ARG B 260 37.47 -6.55 3.70
C ARG B 260 36.43 -6.56 2.57
N PHE B 261 36.77 -5.89 1.47
CA PHE B 261 35.82 -5.71 0.38
C PHE B 261 35.40 -7.05 -0.22
N ASP B 262 36.36 -7.95 -0.44
CA ASP B 262 36.11 -9.22 -1.09
C ASP B 262 36.02 -10.38 -0.12
N ASP B 263 36.07 -10.13 1.18
CA ASP B 263 36.10 -11.21 2.15
C ASP B 263 34.79 -11.98 2.15
N LYS B 264 34.90 -13.30 2.26
CA LYS B 264 33.73 -14.13 2.45
C LYS B 264 33.35 -14.10 3.93
N PRO B 265 32.16 -13.60 4.29
CA PRO B 265 31.81 -13.55 5.71
C PRO B 265 31.70 -14.94 6.31
N ASP B 266 31.99 -15.02 7.62
CA ASP B 266 31.85 -16.26 8.38
C ASP B 266 30.41 -16.35 8.90
N TYR B 267 29.52 -16.81 8.03
CA TYR B 267 28.11 -16.89 8.40
C TYR B 267 27.92 -17.83 9.59
N SER B 268 28.60 -18.97 9.57
CA SER B 268 28.44 -19.93 10.66
C SER B 268 28.81 -19.30 12.00
N TYR B 269 29.91 -18.56 12.03
CA TYR B 269 30.32 -17.90 13.27
C TYR B 269 29.26 -16.92 13.74
N LEU B 270 28.76 -16.09 12.82
CA LEU B 270 27.75 -15.10 13.19
C LEU B 270 26.46 -15.77 13.65
N ARG B 271 26.04 -16.83 12.95
CA ARG B 271 24.83 -17.54 13.36
C ARG B 271 25.05 -18.23 14.71
N GLN B 272 26.12 -19.00 14.85
CA GLN B 272 26.41 -19.65 16.12
C GLN B 272 26.67 -18.63 17.21
N LEU B 273 27.14 -17.43 16.85
CA LEU B 273 27.30 -16.36 17.82
C LEU B 273 25.98 -16.06 18.53
N PHE B 274 24.87 -16.10 17.78
CA PHE B 274 23.55 -15.83 18.36
C PHE B 274 22.89 -17.07 18.94
N ARG B 275 23.06 -18.23 18.30
CA ARG B 275 22.46 -19.46 18.81
C ARG B 275 23.03 -19.83 20.17
N ASN B 276 24.31 -19.54 20.41
CA ASN B 276 24.89 -19.80 21.73
C ASN B 276 24.20 -18.95 22.80
N LEU B 277 23.94 -17.68 22.51
CA LEU B 277 23.18 -16.86 23.44
C LEU B 277 21.77 -17.40 23.62
N PHE B 278 21.16 -17.88 22.54
CA PHE B 278 19.81 -18.44 22.62
C PHE B 278 19.74 -19.57 23.63
N HIS B 279 20.72 -20.48 23.60
CA HIS B 279 20.73 -21.60 24.55
C HIS B 279 20.92 -21.11 25.98
N ARG B 280 21.80 -20.13 26.18
CA ARG B 280 22.07 -19.65 27.53
C ARG B 280 20.82 -19.05 28.18
N GLN B 281 20.03 -18.32 27.40
CA GLN B 281 18.79 -17.73 27.91
C GLN B 281 17.73 -18.78 28.24
N GLY B 282 17.93 -20.03 27.84
CA GLY B 282 16.94 -21.06 28.03
C GLY B 282 15.83 -21.07 27.01
N PHE B 283 15.90 -20.22 26.00
CA PHE B 283 14.85 -20.16 24.99
C PHE B 283 14.81 -21.46 24.19
N SER B 284 13.61 -21.86 23.81
CA SER B 284 13.39 -23.07 23.02
C SER B 284 13.13 -22.68 21.58
N TYR B 285 13.62 -23.51 20.65
CA TYR B 285 13.41 -23.25 19.23
C TYR B 285 12.04 -23.77 18.80
N ASP B 286 10.97 -23.32 19.46
CA ASP B 286 9.58 -23.67 19.03
C ASP B 286 9.07 -22.51 18.18
N TYR B 287 9.89 -21.47 17.94
CA TYR B 287 9.52 -20.36 17.00
C TYR B 287 8.19 -19.72 17.41
N VAL B 288 7.97 -19.52 18.71
CA VAL B 288 6.78 -18.80 19.24
C VAL B 288 7.19 -17.33 19.32
N PHE B 289 6.80 -16.50 18.36
CA PHE B 289 7.22 -15.11 18.30
C PHE B 289 6.35 -14.23 19.20
N ASP B 290 6.75 -12.96 19.29
CA ASP B 290 5.99 -12.03 20.14
C ASP B 290 4.56 -11.86 19.65
N TRP B 291 4.37 -11.78 18.32
CA TRP B 291 3.03 -11.61 17.78
C TRP B 291 2.14 -12.82 18.02
N ASN B 292 2.71 -13.97 18.36
CA ASN B 292 1.91 -15.14 18.70
C ASN B 292 1.38 -15.11 20.12
N MET B 293 1.74 -14.10 20.92
CA MET B 293 1.30 -14.00 22.31
C MET B 293 0.55 -12.69 22.59
N LEU B 294 0.04 -12.04 21.56
CA LEU B 294 -0.65 -10.77 21.74
C LEU B 294 -1.99 -10.95 22.44
#